data_8G9E
#
_entry.id   8G9E
#
_cell.length_a   88.082
_cell.length_b   109.899
_cell.length_c   41.090
_cell.angle_alpha   90.000
_cell.angle_beta   90.000
_cell.angle_gamma   90.000
#
_symmetry.space_group_name_H-M   'P 21 21 21'
#
loop_
_entity.id
_entity.type
_entity.pdbx_description
1 polymer 'Inositol hexakisphosphate and diphosphoinositol-pentakisphosphate kinase 2'
2 non-polymer 'PHOSPHOAMINOPHOSPHONIC ACID-ADENYLATE ESTER'
3 non-polymer '{difluoro[(R)-hydroxy{[(1s,2R,3S,4S,5R,6S)-2,3,4,5,6-pentakis(phosphonooxy)cyclohexyl]oxy}phosphoryl]methyl}phosphonic acid'
4 non-polymer 'MAGNESIUM ION'
5 water water
#
_entity_poly.entity_id   1
_entity_poly.type   'polypeptide(L)'
_entity_poly.pdbx_seq_one_letter_code
;GSFTERQIVVGICSMAKKSKSKPMKEILERISLFKYITVVVFEEEVILNEPVENWPLCDCLISFHSKGFPLDKAVAYAKL
RNPFVINDLNMQYLIQDRREVYSILQAEGILLPRYAILNRDPNNPKECNLIEGEDHVEVNGEVFQKPFVEKPVSAEDHNV
YIYYPTSAGGGSQRLFRKIGSRSSVYSPESNVRKTGSYIYEEFMPTDGTDVKVYTVGPDYAHAEARKSPALDGKVERDSE
GKEVRYPVILNAREKLIAWKVCLAFKQTVCGFDLLRANGQSYVCDVNGFSFVKNSMKYYDDCAKILGNIVMRELAPQFHI
PWSIPLEAED
;
_entity_poly.pdbx_strand_id   A
#
loop_
_chem_comp.id
_chem_comp.type
_chem_comp.name
_chem_comp.formula
ANP non-polymer 'PHOSPHOAMINOPHOSPHONIC ACID-ADENYLATE ESTER' 'C10 H17 N6 O12 P3'
MG non-polymer 'MAGNESIUM ION' 'Mg 2'
YUT non-polymer '{difluoro[(R)-hydroxy{[(1s,2R,3S,4S,5R,6S)-2,3,4,5,6-pentakis(phosphonooxy)cyclohexyl]oxy}phosphoryl]methyl}phosphonic acid' 'C7 H19 F2 O26 P7'
#
# COMPACT_ATOMS: atom_id res chain seq x y z
N ARG A 6 6.34 -21.99 27.82
CA ARG A 6 7.05 -21.70 26.55
C ARG A 6 6.87 -20.23 26.16
N GLN A 7 7.55 -19.86 25.08
CA GLN A 7 7.44 -18.56 24.44
C GLN A 7 6.24 -18.55 23.49
N ILE A 8 5.67 -17.37 23.28
CA ILE A 8 4.79 -17.07 22.16
C ILE A 8 5.67 -16.86 20.94
N VAL A 9 5.37 -17.57 19.85
CA VAL A 9 6.17 -17.49 18.65
C VAL A 9 5.45 -16.58 17.67
N VAL A 10 6.18 -15.52 17.26
CA VAL A 10 5.73 -14.66 16.18
C VAL A 10 6.45 -15.08 14.90
N GLY A 11 5.69 -15.58 13.93
CA GLY A 11 6.23 -15.98 12.65
C GLY A 11 6.13 -14.84 11.61
N ILE A 12 7.21 -14.62 10.87
CA ILE A 12 7.32 -13.64 9.79
C ILE A 12 7.44 -14.40 8.46
N CYS A 13 6.48 -14.13 7.57
CA CYS A 13 6.36 -14.89 6.35
C CYS A 13 6.20 -13.91 5.21
N SER A 14 7.31 -13.66 4.52
CA SER A 14 7.34 -12.76 3.38
C SER A 14 8.55 -13.09 2.52
N MET A 15 8.66 -12.43 1.36
CA MET A 15 9.82 -12.58 0.51
C MET A 15 11.04 -12.01 1.25
N ALA A 16 12.22 -12.58 0.95
CA ALA A 16 13.44 -12.22 1.65
C ALA A 16 13.76 -10.74 1.49
N LYS A 17 13.45 -10.13 0.33
CA LYS A 17 13.68 -8.70 0.11
C LYS A 17 12.96 -7.83 1.16
N LYS A 18 11.86 -8.36 1.70
CA LYS A 18 11.09 -7.69 2.74
C LYS A 18 11.52 -8.15 4.13
N SER A 19 11.66 -9.47 4.32
N SER A 19 11.70 -9.47 4.34
CA SER A 19 12.03 -10.05 5.61
CA SER A 19 11.99 -9.99 5.66
C SER A 19 13.40 -9.56 6.06
C SER A 19 13.45 -9.72 6.05
N LYS A 20 14.30 -9.34 5.08
CA LYS A 20 15.68 -8.97 5.36
C LYS A 20 15.90 -7.48 5.16
N SER A 21 14.84 -6.70 4.93
CA SER A 21 14.97 -5.26 4.79
C SER A 21 15.42 -4.66 6.12
N LYS A 22 16.06 -3.48 6.05
CA LYS A 22 16.54 -2.82 7.23
C LYS A 22 15.38 -2.57 8.19
N PRO A 23 14.24 -1.98 7.75
CA PRO A 23 13.14 -1.73 8.67
C PRO A 23 12.64 -3.00 9.38
N MET A 24 12.49 -4.09 8.62
CA MET A 24 12.06 -5.34 9.23
C MET A 24 13.06 -5.78 10.30
N LYS A 25 14.36 -5.77 9.99
CA LYS A 25 15.33 -6.25 10.97
C LYS A 25 15.33 -5.37 12.22
N GLU A 26 15.15 -4.05 12.05
CA GLU A 26 15.12 -3.13 13.17
C GLU A 26 13.90 -3.43 14.06
N ILE A 27 12.75 -3.69 13.42
CA ILE A 27 11.55 -3.94 14.21
C ILE A 27 11.61 -5.31 14.88
N LEU A 28 12.10 -6.34 14.18
CA LEU A 28 12.14 -7.67 14.77
C LEU A 28 13.10 -7.74 15.96
N GLU A 29 14.23 -7.04 15.87
CA GLU A 29 15.14 -7.00 17.00
C GLU A 29 14.42 -6.44 18.23
N ARG A 30 13.55 -5.43 18.04
CA ARG A 30 12.83 -4.81 19.14
C ARG A 30 11.70 -5.70 19.66
N ILE A 31 11.00 -6.42 18.77
CA ILE A 31 9.95 -7.32 19.20
C ILE A 31 10.54 -8.46 20.02
N SER A 32 11.75 -8.88 19.65
CA SER A 32 12.44 -9.95 20.36
C SER A 32 12.78 -9.56 21.79
N LEU A 33 12.78 -8.24 22.11
CA LEU A 33 13.10 -7.77 23.45
C LEU A 33 11.97 -8.13 24.40
N PHE A 34 10.75 -8.35 23.87
CA PHE A 34 9.68 -8.83 24.72
C PHE A 34 10.05 -10.17 25.35
N LYS A 35 9.84 -10.29 26.66
CA LYS A 35 10.37 -11.41 27.42
C LYS A 35 9.76 -12.74 26.97
N TYR A 36 8.49 -12.74 26.58
CA TYR A 36 7.78 -13.97 26.30
C TYR A 36 7.57 -14.20 24.81
N ILE A 37 8.20 -13.39 23.98
CA ILE A 37 8.05 -13.50 22.53
C ILE A 37 9.37 -13.94 21.89
N THR A 38 9.24 -14.97 21.05
CA THR A 38 10.30 -15.44 20.17
C THR A 38 9.87 -15.19 18.73
N VAL A 39 10.78 -14.67 17.91
CA VAL A 39 10.51 -14.35 16.52
C VAL A 39 11.13 -15.44 15.65
N VAL A 40 10.37 -15.94 14.68
CA VAL A 40 10.86 -16.90 13.71
C VAL A 40 10.61 -16.32 12.32
N VAL A 41 11.66 -16.12 11.53
CA VAL A 41 11.52 -15.60 10.17
C VAL A 41 11.60 -16.78 9.22
N PHE A 42 10.52 -17.00 8.47
CA PHE A 42 10.46 -18.10 7.52
C PHE A 42 11.38 -17.80 6.34
N GLU A 43 12.20 -18.80 6.02
CA GLU A 43 13.17 -18.69 4.95
C GLU A 43 12.44 -18.64 3.62
N GLU A 44 12.93 -17.83 2.67
CA GLU A 44 12.29 -17.72 1.38
C GLU A 44 12.28 -19.06 0.65
N GLU A 45 13.37 -19.84 0.76
CA GLU A 45 13.43 -21.13 0.09
C GLU A 45 12.31 -22.04 0.63
N VAL A 46 11.98 -21.90 1.90
CA VAL A 46 10.95 -22.71 2.54
C VAL A 46 9.57 -22.25 2.05
N ILE A 47 9.35 -20.94 2.05
CA ILE A 47 8.09 -20.37 1.58
C ILE A 47 7.79 -20.85 0.16
N LEU A 48 8.79 -20.78 -0.71
CA LEU A 48 8.57 -21.06 -2.12
C LEU A 48 8.52 -22.56 -2.40
N ASN A 49 9.38 -23.35 -1.74
CA ASN A 49 9.66 -24.69 -2.21
C ASN A 49 9.14 -25.78 -1.30
N GLU A 50 8.83 -25.47 -0.04
CA GLU A 50 8.32 -26.47 0.90
C GLU A 50 6.81 -26.40 0.99
N PRO A 51 6.11 -27.55 1.11
CA PRO A 51 4.68 -27.54 1.37
C PRO A 51 4.42 -26.88 2.73
N VAL A 52 3.25 -26.29 2.89
CA VAL A 52 2.97 -25.51 4.09
C VAL A 52 2.98 -26.38 5.34
N GLU A 53 2.74 -27.71 5.22
CA GLU A 53 2.77 -28.58 6.38
C GLU A 53 4.16 -28.67 7.03
N ASN A 54 5.22 -28.25 6.32
CA ASN A 54 6.60 -28.28 6.82
C ASN A 54 7.08 -26.90 7.24
N TRP A 55 6.25 -25.88 7.05
CA TRP A 55 6.58 -24.53 7.51
C TRP A 55 6.63 -24.53 9.02
N PRO A 56 7.45 -23.64 9.63
CA PRO A 56 7.50 -23.55 11.07
C PRO A 56 6.15 -23.18 11.66
N LEU A 57 5.93 -23.63 12.90
CA LEU A 57 4.78 -23.22 13.70
C LEU A 57 5.00 -21.81 14.22
N CYS A 58 3.88 -21.10 14.35
CA CYS A 58 3.88 -19.84 15.09
C CYS A 58 2.49 -19.67 15.73
N ASP A 59 2.41 -18.83 16.74
CA ASP A 59 1.15 -18.55 17.42
C ASP A 59 0.54 -17.29 16.81
N CYS A 60 1.41 -16.40 16.33
CA CYS A 60 1.01 -15.16 15.69
C CYS A 60 1.78 -15.07 14.37
N LEU A 61 1.03 -14.81 13.29
CA LEU A 61 1.59 -14.75 11.95
C LEU A 61 1.51 -13.32 11.40
N ILE A 62 2.69 -12.83 11.01
CA ILE A 62 2.85 -11.60 10.26
C ILE A 62 3.32 -11.97 8.86
N SER A 63 2.39 -11.84 7.93
CA SER A 63 2.60 -12.34 6.59
C SER A 63 1.98 -11.37 5.61
N PHE A 64 2.69 -11.11 4.53
CA PHE A 64 2.19 -10.17 3.56
C PHE A 64 2.76 -10.47 2.18
N HIS A 65 1.90 -10.18 1.21
CA HIS A 65 2.23 -10.31 -0.19
C HIS A 65 3.08 -9.14 -0.67
N SER A 66 4.04 -9.54 -1.52
CA SER A 66 4.74 -8.64 -2.41
C SER A 66 5.07 -9.44 -3.68
N LYS A 67 5.68 -8.80 -4.67
CA LYS A 67 5.98 -9.45 -5.93
C LYS A 67 6.65 -10.81 -5.72
N GLY A 68 6.03 -11.86 -6.26
CA GLY A 68 6.60 -13.20 -6.24
C GLY A 68 6.20 -14.04 -5.03
N PHE A 69 5.47 -13.46 -4.09
CA PHE A 69 5.03 -14.20 -2.91
C PHE A 69 3.84 -15.11 -3.21
N PRO A 70 3.88 -16.40 -2.78
CA PRO A 70 2.77 -17.34 -2.97
C PRO A 70 1.69 -17.19 -1.90
N LEU A 71 0.82 -16.21 -2.11
CA LEU A 71 -0.21 -15.89 -1.14
C LEU A 71 -1.10 -17.10 -0.88
N ASP A 72 -1.34 -17.93 -1.90
CA ASP A 72 -2.17 -19.12 -1.74
C ASP A 72 -1.62 -20.04 -0.65
N LYS A 73 -0.29 -20.17 -0.64
CA LYS A 73 0.34 -21.02 0.37
C LYS A 73 0.19 -20.37 1.74
N ALA A 74 0.39 -19.05 1.86
CA ALA A 74 0.27 -18.41 3.16
C ALA A 74 -1.15 -18.59 3.72
N VAL A 75 -2.16 -18.42 2.86
CA VAL A 75 -3.56 -18.63 3.23
C VAL A 75 -3.76 -20.06 3.73
N ALA A 76 -3.18 -21.05 3.02
CA ALA A 76 -3.35 -22.45 3.37
C ALA A 76 -2.65 -22.76 4.69
N TYR A 77 -1.48 -22.13 4.91
CA TYR A 77 -0.80 -22.27 6.17
C TYR A 77 -1.67 -21.77 7.32
N ALA A 78 -2.26 -20.58 7.16
CA ALA A 78 -3.05 -19.98 8.23
C ALA A 78 -4.24 -20.86 8.53
N LYS A 79 -4.84 -21.44 7.49
CA LYS A 79 -5.99 -22.32 7.65
C LYS A 79 -5.58 -23.59 8.41
N LEU A 80 -4.43 -24.16 8.05
CA LEU A 80 -3.92 -25.38 8.70
C LEU A 80 -3.59 -25.13 10.18
N ARG A 81 -2.91 -24.02 10.48
CA ARG A 81 -2.33 -23.83 11.80
C ARG A 81 -3.18 -22.94 12.70
N ASN A 82 -4.05 -22.10 12.10
CA ASN A 82 -4.94 -21.18 12.78
C ASN A 82 -4.19 -20.26 13.78
N PRO A 83 -3.10 -19.57 13.37
CA PRO A 83 -2.46 -18.59 14.26
C PRO A 83 -3.30 -17.33 14.33
N PHE A 84 -2.93 -16.46 15.27
CA PHE A 84 -3.43 -15.09 15.28
C PHE A 84 -2.76 -14.30 14.16
N VAL A 85 -3.55 -13.78 13.21
CA VAL A 85 -3.02 -13.15 12.02
C VAL A 85 -3.12 -11.64 12.18
N ILE A 86 -2.02 -10.92 12.05
CA ILE A 86 -1.94 -9.47 12.25
C ILE A 86 -2.50 -8.74 11.01
N ASN A 87 -2.12 -9.22 9.82
CA ASN A 87 -2.57 -8.67 8.55
C ASN A 87 -3.33 -9.78 7.81
N ASP A 88 -4.64 -9.60 7.69
CA ASP A 88 -5.53 -10.59 7.07
C ASP A 88 -5.02 -10.97 5.68
N LEU A 89 -4.90 -12.29 5.42
CA LEU A 89 -4.29 -12.76 4.19
C LEU A 89 -5.27 -12.70 3.02
N ASN A 90 -6.54 -13.07 3.24
CA ASN A 90 -7.48 -13.04 2.13
C ASN A 90 -7.67 -11.62 1.60
N MET A 91 -7.62 -10.62 2.47
CA MET A 91 -7.77 -9.24 2.04
C MET A 91 -6.63 -8.82 1.13
N GLN A 92 -5.47 -9.52 1.20
CA GLN A 92 -4.34 -9.17 0.36
C GLN A 92 -4.52 -9.57 -1.10
N TYR A 93 -5.51 -10.43 -1.40
CA TYR A 93 -5.90 -10.59 -2.77
C TYR A 93 -6.59 -9.32 -3.28
N LEU A 94 -7.44 -8.71 -2.45
CA LEU A 94 -8.23 -7.55 -2.86
C LEU A 94 -7.36 -6.31 -3.03
N ILE A 95 -6.35 -6.16 -2.18
CA ILE A 95 -5.44 -5.05 -2.22
C ILE A 95 -4.63 -5.02 -3.50
N GLN A 96 -4.51 -6.17 -4.18
CA GLN A 96 -3.79 -6.23 -5.44
C GLN A 96 -4.62 -5.65 -6.60
N ASP A 97 -5.88 -5.33 -6.38
CA ASP A 97 -6.78 -4.84 -7.42
C ASP A 97 -7.30 -3.47 -7.00
N ARG A 98 -6.96 -2.42 -7.76
CA ARG A 98 -7.34 -1.05 -7.39
C ARG A 98 -8.85 -0.88 -7.38
N ARG A 99 -9.56 -1.65 -8.22
CA ARG A 99 -11.01 -1.61 -8.24
C ARG A 99 -11.59 -2.03 -6.89
N GLU A 100 -11.02 -3.08 -6.31
CA GLU A 100 -11.49 -3.60 -5.03
C GLU A 100 -11.12 -2.65 -3.90
N VAL A 101 -9.92 -2.06 -3.99
CA VAL A 101 -9.49 -1.10 -3.00
C VAL A 101 -10.48 0.08 -2.99
N TYR A 102 -10.75 0.65 -4.16
CA TYR A 102 -11.63 1.80 -4.25
C TYR A 102 -13.06 1.50 -3.77
N SER A 103 -13.57 0.31 -4.11
CA SER A 103 -14.85 -0.16 -3.65
C SER A 103 -14.93 -0.18 -2.12
N ILE A 104 -13.89 -0.69 -1.47
CA ILE A 104 -13.87 -0.71 -0.01
C ILE A 104 -13.84 0.71 0.57
N LEU A 105 -13.02 1.60 0.00
CA LEU A 105 -12.94 2.97 0.48
C LEU A 105 -14.30 3.65 0.40
N GLN A 106 -14.99 3.49 -0.71
CA GLN A 106 -16.30 4.09 -0.89
C GLN A 106 -17.28 3.54 0.16
N ALA A 107 -17.25 2.24 0.41
CA ALA A 107 -18.15 1.62 1.36
C ALA A 107 -17.92 2.14 2.78
N GLU A 108 -16.70 2.61 3.08
CA GLU A 108 -16.36 3.14 4.39
C GLU A 108 -16.55 4.65 4.48
N GLY A 109 -17.07 5.26 3.42
CA GLY A 109 -17.34 6.69 3.44
C GLY A 109 -16.06 7.52 3.47
N ILE A 110 -14.99 6.97 2.89
CA ILE A 110 -13.73 7.66 2.78
C ILE A 110 -13.68 8.43 1.46
N LEU A 111 -13.30 9.71 1.58
CA LEU A 111 -13.16 10.59 0.43
C LEU A 111 -12.05 10.03 -0.46
N LEU A 112 -12.39 9.91 -1.75
CA LEU A 112 -11.41 9.51 -2.73
C LEU A 112 -11.69 10.27 -4.01
N PRO A 113 -10.75 10.34 -4.97
CA PRO A 113 -11.00 11.02 -6.23
C PRO A 113 -12.19 10.41 -6.94
N ARG A 114 -12.99 11.26 -7.58
CA ARG A 114 -14.03 10.79 -8.49
C ARG A 114 -13.35 9.87 -9.51
N TYR A 115 -13.94 8.70 -9.76
CA TYR A 115 -13.30 7.75 -10.64
C TYR A 115 -14.30 6.90 -11.44
N ALA A 116 -13.77 6.29 -12.49
CA ALA A 116 -14.52 5.33 -13.28
C ALA A 116 -13.60 4.20 -13.73
N ILE A 117 -14.15 3.00 -13.84
CA ILE A 117 -13.39 1.82 -14.23
C ILE A 117 -13.66 1.53 -15.70
N LEU A 118 -12.58 1.39 -16.46
CA LEU A 118 -12.64 0.89 -17.81
C LEU A 118 -12.11 -0.53 -17.87
N ASN A 119 -13.05 -1.47 -17.95
CA ASN A 119 -12.66 -2.86 -18.13
C ASN A 119 -12.64 -3.15 -19.62
N ARG A 120 -11.51 -3.62 -20.13
CA ARG A 120 -11.34 -3.97 -21.53
C ARG A 120 -11.20 -5.49 -21.64
N ASP A 121 -11.99 -6.08 -22.54
CA ASP A 121 -11.83 -7.48 -22.88
C ASP A 121 -10.59 -7.55 -23.78
N PRO A 122 -9.49 -8.26 -23.40
CA PRO A 122 -8.27 -8.28 -24.22
C PRO A 122 -8.48 -8.88 -25.61
N ASN A 123 -9.44 -9.81 -25.74
CA ASN A 123 -9.71 -10.42 -27.04
C ASN A 123 -10.55 -9.47 -27.90
N ASN A 124 -10.94 -8.33 -27.33
CA ASN A 124 -11.82 -7.40 -28.02
C ASN A 124 -11.62 -5.97 -27.52
N PRO A 125 -10.41 -5.36 -27.67
CA PRO A 125 -10.07 -4.14 -26.94
C PRO A 125 -10.86 -2.88 -27.29
N LYS A 126 -11.50 -2.88 -28.48
CA LYS A 126 -12.23 -1.71 -28.97
C LYS A 126 -13.72 -1.77 -28.60
N GLU A 127 -14.17 -2.74 -27.80
CA GLU A 127 -15.60 -2.82 -27.50
C GLU A 127 -15.94 -2.28 -26.11
N CYS A 128 -15.00 -1.59 -25.47
CA CYS A 128 -15.26 -1.05 -24.14
C CYS A 128 -15.80 0.38 -24.22
N ASN A 129 -16.28 0.91 -23.06
CA ASN A 129 -17.03 2.15 -23.02
C ASN A 129 -16.10 3.34 -22.82
N LEU A 130 -15.26 3.61 -23.81
CA LEU A 130 -14.34 4.73 -23.77
C LEU A 130 -14.55 5.62 -25.00
N ILE A 131 -14.75 6.92 -24.76
CA ILE A 131 -14.69 7.91 -25.84
C ILE A 131 -13.59 8.88 -25.47
N GLU A 132 -12.73 9.20 -26.43
CA GLU A 132 -11.64 10.12 -26.18
C GLU A 132 -11.85 11.38 -27.02
N GLY A 133 -11.70 12.53 -26.35
CA GLY A 133 -11.50 13.80 -27.04
C GLY A 133 -10.10 14.34 -26.75
N GLU A 134 -9.75 15.49 -27.33
CA GLU A 134 -8.36 15.91 -27.17
C GLU A 134 -8.13 16.46 -25.75
N ASP A 135 -9.17 16.88 -25.04
CA ASP A 135 -9.04 17.43 -23.69
C ASP A 135 -9.86 16.67 -22.64
N HIS A 136 -10.36 15.47 -22.97
CA HIS A 136 -11.15 14.71 -21.99
C HIS A 136 -11.33 13.27 -22.43
N VAL A 137 -11.74 12.42 -21.49
CA VAL A 137 -12.24 11.09 -21.82
C VAL A 137 -13.62 10.93 -21.23
N GLU A 138 -14.41 10.04 -21.84
N GLU A 138 -14.38 10.01 -21.83
CA GLU A 138 -15.68 9.64 -21.28
CA GLU A 138 -15.68 9.61 -21.32
C GLU A 138 -15.60 8.13 -21.06
C GLU A 138 -15.59 8.11 -21.06
N VAL A 139 -15.80 7.71 -19.81
CA VAL A 139 -15.61 6.33 -19.39
C VAL A 139 -16.93 5.86 -18.82
N ASN A 140 -17.56 4.90 -19.51
CA ASN A 140 -18.88 4.45 -19.12
C ASN A 140 -19.82 5.66 -19.02
N GLY A 141 -19.63 6.66 -19.88
CA GLY A 141 -20.48 7.84 -19.90
C GLY A 141 -19.97 8.98 -19.04
N GLU A 142 -19.00 8.70 -18.17
CA GLU A 142 -18.59 9.69 -17.19
C GLU A 142 -17.41 10.49 -17.74
N VAL A 143 -17.52 11.82 -17.65
CA VAL A 143 -16.55 12.70 -18.28
C VAL A 143 -15.44 13.08 -17.28
N PHE A 144 -14.20 12.93 -17.75
CA PHE A 144 -13.01 13.36 -17.05
C PHE A 144 -12.30 14.34 -17.94
N GLN A 145 -12.39 15.62 -17.58
CA GLN A 145 -11.62 16.66 -18.25
C GLN A 145 -10.15 16.55 -17.80
N LYS A 146 -9.24 16.83 -18.72
CA LYS A 146 -7.83 16.87 -18.34
C LYS A 146 -7.61 18.11 -17.47
N PRO A 147 -6.74 18.01 -16.43
CA PRO A 147 -5.94 16.80 -16.15
C PRO A 147 -6.70 15.67 -15.45
N PHE A 148 -6.36 14.43 -15.83
CA PHE A 148 -6.91 13.23 -15.21
C PHE A 148 -5.80 12.19 -15.11
N VAL A 149 -6.07 11.18 -14.29
CA VAL A 149 -5.10 10.16 -13.97
C VAL A 149 -5.64 8.81 -14.47
N GLU A 150 -4.73 8.00 -15.02
CA GLU A 150 -5.02 6.69 -15.56
C GLU A 150 -4.15 5.66 -14.83
N LYS A 151 -4.80 4.78 -14.08
CA LYS A 151 -4.08 3.79 -13.29
C LYS A 151 -4.41 2.39 -13.80
N PRO A 152 -3.40 1.51 -13.99
CA PRO A 152 -3.68 0.08 -14.24
C PRO A 152 -4.50 -0.52 -13.11
N VAL A 153 -5.41 -1.43 -13.44
CA VAL A 153 -6.27 -2.01 -12.43
C VAL A 153 -5.44 -2.87 -11.46
N SER A 154 -4.33 -3.39 -11.94
CA SER A 154 -3.36 -4.07 -11.07
C SER A 154 -2.65 -3.05 -10.18
N ALA A 155 -2.80 -3.18 -8.85
CA ALA A 155 -2.18 -2.25 -7.93
C ALA A 155 -0.66 -2.45 -7.88
N GLU A 156 -0.20 -3.59 -8.41
CA GLU A 156 1.22 -3.91 -8.44
C GLU A 156 1.90 -3.29 -9.68
N ASP A 157 1.09 -2.76 -10.60
CA ASP A 157 1.58 -2.10 -11.81
C ASP A 157 1.61 -0.59 -11.55
N HIS A 158 2.83 -0.04 -11.45
CA HIS A 158 3.06 1.34 -11.04
C HIS A 158 3.14 2.29 -12.24
N ASN A 159 2.74 1.83 -13.43
CA ASN A 159 2.74 2.65 -14.64
C ASN A 159 1.46 3.47 -14.69
N VAL A 160 1.38 4.46 -13.82
CA VAL A 160 0.29 5.41 -13.72
C VAL A 160 0.62 6.63 -14.60
N TYR A 161 -0.36 7.05 -15.43
CA TYR A 161 -0.16 8.15 -16.35
C TYR A 161 -1.09 9.31 -15.97
N ILE A 162 -0.57 10.52 -16.13
CA ILE A 162 -1.33 11.74 -15.93
C ILE A 162 -1.40 12.46 -17.27
N TYR A 163 -2.58 12.92 -17.67
CA TYR A 163 -2.77 13.51 -18.99
C TYR A 163 -3.03 14.99 -18.81
N TYR A 164 -2.22 15.81 -19.47
CA TYR A 164 -2.29 17.24 -19.26
C TYR A 164 -3.22 17.88 -20.27
N PRO A 165 -3.91 18.98 -19.86
CA PRO A 165 -4.76 19.71 -20.78
C PRO A 165 -3.95 20.48 -21.80
N THR A 166 -4.62 20.79 -22.92
CA THR A 166 -4.03 21.58 -23.99
C THR A 166 -3.50 22.91 -23.46
N SER A 167 -4.21 23.51 -22.50
CA SER A 167 -3.86 24.80 -21.93
C SER A 167 -2.51 24.72 -21.21
N ALA A 168 -2.08 23.49 -20.84
CA ALA A 168 -0.82 23.27 -20.18
C ALA A 168 0.20 22.69 -21.15
N GLY A 169 -0.15 22.57 -22.43
CA GLY A 169 0.81 22.06 -23.41
C GLY A 169 0.61 20.58 -23.74
N GLY A 170 -0.40 19.95 -23.17
CA GLY A 170 -0.74 18.60 -23.58
C GLY A 170 0.31 17.58 -23.15
N GLY A 171 0.24 16.40 -23.76
CA GLY A 171 1.14 15.32 -23.38
C GLY A 171 0.71 14.66 -22.09
N SER A 172 1.65 13.91 -21.53
CA SER A 172 1.33 13.09 -20.39
C SER A 172 2.57 12.97 -19.52
N GLN A 173 2.36 12.59 -18.27
CA GLN A 173 3.43 12.24 -17.35
C GLN A 173 3.31 10.76 -17.04
N ARG A 174 4.38 10.01 -17.32
CA ARG A 174 4.35 8.57 -17.10
C ARG A 174 5.15 8.25 -15.85
N LEU A 175 4.46 7.80 -14.81
CA LEU A 175 5.06 7.42 -13.54
C LEU A 175 5.51 5.95 -13.59
N PHE A 176 6.43 5.61 -12.70
CA PHE A 176 6.93 4.25 -12.59
C PHE A 176 7.62 4.08 -11.23
N ARG A 177 7.79 2.83 -10.81
CA ARG A 177 8.58 2.54 -9.64
C ARG A 177 9.95 3.18 -9.89
N LYS A 178 10.43 3.96 -8.91
CA LYS A 178 11.53 4.86 -9.19
C LYS A 178 12.81 4.09 -9.55
N ILE A 179 13.52 4.74 -10.47
CA ILE A 179 14.80 4.29 -11.01
C ILE A 179 15.78 5.42 -10.72
N GLY A 180 16.55 5.29 -9.62
CA GLY A 180 17.54 6.28 -9.21
C GLY A 180 16.97 7.70 -9.07
N SER A 181 17.37 8.58 -9.98
CA SER A 181 17.03 10.00 -9.90
C SER A 181 15.61 10.30 -10.39
N ARG A 182 14.84 9.30 -10.90
CA ARG A 182 13.60 9.60 -11.59
C ARG A 182 12.44 8.68 -11.19
N SER A 183 11.27 9.30 -11.02
CA SER A 183 10.01 8.63 -10.68
C SER A 183 8.97 8.77 -11.80
N SER A 184 9.22 9.68 -12.75
CA SER A 184 8.31 9.91 -13.87
C SER A 184 9.05 10.62 -15.00
N VAL A 185 8.45 10.60 -16.19
CA VAL A 185 8.99 11.29 -17.33
C VAL A 185 7.82 11.86 -18.14
N TYR A 186 8.03 13.04 -18.73
CA TYR A 186 7.09 13.62 -19.65
C TYR A 186 7.09 12.80 -20.95
N SER A 187 5.90 12.64 -21.51
CA SER A 187 5.73 12.12 -22.85
C SER A 187 4.89 13.09 -23.66
N PRO A 188 5.22 13.34 -24.95
CA PRO A 188 4.35 14.15 -25.81
C PRO A 188 3.03 13.46 -26.14
N GLU A 189 2.90 12.15 -25.87
CA GLU A 189 1.65 11.44 -26.14
C GLU A 189 0.49 12.00 -25.32
N SER A 190 -0.61 12.35 -25.99
CA SER A 190 -1.77 12.95 -25.35
C SER A 190 -2.95 11.97 -25.28
N ASN A 191 -2.87 10.88 -26.06
CA ASN A 191 -3.93 9.91 -26.15
C ASN A 191 -3.72 8.79 -25.12
N VAL A 192 -4.83 8.29 -24.57
CA VAL A 192 -4.80 7.30 -23.51
C VAL A 192 -4.36 5.94 -24.05
N ARG A 193 -4.00 5.04 -23.13
CA ARG A 193 -3.53 3.71 -23.51
C ARG A 193 -4.71 2.93 -24.09
N LYS A 194 -4.45 2.09 -25.10
CA LYS A 194 -5.53 1.46 -25.84
C LYS A 194 -5.59 -0.04 -25.59
N THR A 195 -4.65 -0.58 -24.80
CA THR A 195 -4.75 -1.94 -24.29
C THR A 195 -4.60 -1.91 -22.77
N GLY A 196 -5.23 -2.91 -22.12
CA GLY A 196 -5.33 -3.00 -20.67
C GLY A 196 -6.61 -2.36 -20.11
N SER A 197 -6.86 -2.66 -18.84
CA SER A 197 -7.96 -2.11 -18.06
C SER A 197 -7.39 -1.08 -17.08
N TYR A 198 -8.14 0.01 -16.89
CA TYR A 198 -7.66 1.15 -16.11
C TYR A 198 -8.77 1.72 -15.26
N ILE A 199 -8.35 2.40 -14.20
CA ILE A 199 -9.18 3.36 -13.48
C ILE A 199 -8.81 4.74 -14.00
N TYR A 200 -9.81 5.55 -14.31
CA TYR A 200 -9.62 6.94 -14.65
C TYR A 200 -10.08 7.74 -13.46
N GLU A 201 -9.29 8.72 -13.03
CA GLU A 201 -9.77 9.52 -11.92
C GLU A 201 -9.41 10.99 -12.05
N GLU A 202 -10.18 11.81 -11.36
CA GLU A 202 -9.94 13.24 -11.37
C GLU A 202 -8.58 13.50 -10.71
N PHE A 203 -7.85 14.46 -11.28
CA PHE A 203 -6.58 14.88 -10.73
C PHE A 203 -6.89 15.85 -9.58
N MET A 204 -6.33 15.52 -8.42
CA MET A 204 -6.56 16.33 -7.23
C MET A 204 -5.39 17.30 -7.06
N PRO A 205 -5.65 18.61 -7.01
CA PRO A 205 -4.57 19.59 -6.97
C PRO A 205 -4.00 19.69 -5.56
N THR A 206 -2.76 19.29 -5.39
CA THR A 206 -2.09 19.38 -4.10
C THR A 206 -1.06 20.49 -4.18
N ASP A 207 -0.31 20.66 -3.10
CA ASP A 207 0.81 21.59 -3.10
C ASP A 207 2.06 20.99 -3.78
N GLY A 208 1.93 19.82 -4.45
CA GLY A 208 3.03 19.14 -5.13
C GLY A 208 3.64 18.04 -4.27
N THR A 209 3.03 17.74 -3.11
CA THR A 209 3.48 16.64 -2.27
C THR A 209 2.34 15.66 -2.04
N ASP A 210 2.77 14.42 -1.82
CA ASP A 210 1.94 13.31 -1.38
C ASP A 210 2.15 13.10 0.11
N VAL A 211 1.09 12.75 0.83
CA VAL A 211 1.23 12.30 2.21
C VAL A 211 1.13 10.78 2.24
N LYS A 212 2.17 10.16 2.79
CA LYS A 212 2.28 8.71 2.92
C LYS A 212 2.02 8.40 4.39
N VAL A 213 1.04 7.53 4.63
CA VAL A 213 0.58 7.20 5.97
C VAL A 213 0.87 5.73 6.25
N TYR A 214 1.33 5.46 7.49
CA TYR A 214 1.76 4.14 7.90
C TYR A 214 1.13 3.83 9.24
N THR A 215 0.18 2.88 9.25
CA THR A 215 -0.55 2.53 10.46
C THR A 215 0.17 1.37 11.17
N VAL A 216 0.03 1.36 12.49
CA VAL A 216 0.34 0.21 13.30
C VAL A 216 -0.83 0.01 14.24
N GLY A 217 -1.81 -0.73 13.75
CA GLY A 217 -3.10 -0.76 14.37
C GLY A 217 -3.83 0.54 14.10
N PRO A 218 -5.13 0.57 14.42
CA PRO A 218 -5.96 1.71 13.99
C PRO A 218 -5.73 3.01 14.77
N ASP A 219 -5.00 2.93 15.89
CA ASP A 219 -4.84 4.09 16.77
C ASP A 219 -3.43 4.67 16.68
N TYR A 220 -2.61 4.21 15.74
CA TYR A 220 -1.30 4.77 15.53
C TYR A 220 -1.04 4.90 14.04
N ALA A 221 -0.62 6.09 13.64
CA ALA A 221 -0.28 6.32 12.23
C ALA A 221 0.84 7.34 12.17
N HIS A 222 1.93 6.99 11.48
CA HIS A 222 2.98 7.92 11.15
C HIS A 222 2.73 8.40 9.73
N ALA A 223 2.87 9.71 9.52
CA ALA A 223 2.74 10.28 8.20
C ALA A 223 3.99 11.08 7.85
N GLU A 224 4.30 11.11 6.56
CA GLU A 224 5.39 11.89 6.03
C GLU A 224 5.01 12.32 4.62
N ALA A 225 5.66 13.37 4.11
CA ALA A 225 5.33 13.84 2.78
C ALA A 225 6.55 13.64 1.88
N ARG A 226 6.29 13.45 0.59
CA ARG A 226 7.32 13.42 -0.42
C ARG A 226 6.84 14.19 -1.62
N LYS A 227 7.80 14.63 -2.42
CA LYS A 227 7.51 15.28 -3.68
C LYS A 227 6.66 14.34 -4.53
N SER A 228 5.59 14.88 -5.11
CA SER A 228 4.74 14.09 -6.01
C SER A 228 5.51 13.71 -7.26
N PRO A 229 5.52 12.41 -7.67
CA PRO A 229 6.09 12.01 -8.96
C PRO A 229 5.36 12.64 -10.14
N ALA A 230 4.15 13.09 -9.89
CA ALA A 230 3.36 13.75 -10.96
C ALA A 230 3.95 15.13 -11.28
N LEU A 231 4.92 15.59 -10.49
CA LEU A 231 5.45 16.97 -10.68
C LEU A 231 6.36 17.04 -11.91
N ASP A 232 7.63 16.71 -11.76
CA ASP A 232 8.58 16.72 -12.90
C ASP A 232 9.26 15.35 -12.98
N GLY A 233 9.17 14.57 -11.92
CA GLY A 233 9.71 13.22 -11.92
C GLY A 233 11.13 13.14 -11.39
N LYS A 234 11.74 14.28 -11.03
CA LYS A 234 13.08 14.23 -10.47
C LYS A 234 12.97 13.89 -8.98
N VAL A 235 13.65 12.82 -8.55
CA VAL A 235 13.59 12.39 -7.18
C VAL A 235 14.60 13.23 -6.39
N GLU A 236 14.18 13.80 -5.26
CA GLU A 236 15.12 14.50 -4.39
C GLU A 236 15.73 13.48 -3.46
N ARG A 237 17.07 13.38 -3.42
CA ARG A 237 17.72 12.42 -2.55
C ARG A 237 18.62 13.15 -1.59
N ASP A 238 18.72 12.63 -0.40
CA ASP A 238 19.62 13.27 0.59
C ASP A 238 21.06 12.84 0.34
N SER A 239 21.99 13.31 1.18
CA SER A 239 23.43 12.98 1.03
C SER A 239 23.62 11.46 1.10
N GLU A 240 22.64 10.75 1.63
CA GLU A 240 22.75 9.29 1.78
C GLU A 240 21.93 8.50 0.75
N GLY A 241 21.49 9.11 -0.38
CA GLY A 241 20.82 8.29 -1.37
C GLY A 241 19.36 8.00 -1.05
N LYS A 242 18.84 8.59 0.05
CA LYS A 242 17.47 8.32 0.47
C LYS A 242 16.56 9.44 -0.04
N GLU A 243 15.36 9.06 -0.49
CA GLU A 243 14.44 10.07 -0.95
C GLU A 243 14.10 11.01 0.21
N VAL A 244 14.13 12.33 -0.06
CA VAL A 244 13.79 13.35 0.91
C VAL A 244 12.32 13.22 1.31
N ARG A 245 12.09 13.31 2.62
CA ARG A 245 10.78 13.23 3.27
C ARG A 245 10.58 14.52 4.06
N TYR A 246 9.32 14.97 4.13
CA TYR A 246 8.97 16.18 4.85
C TYR A 246 8.04 15.79 6.00
N PRO A 247 8.09 16.55 7.12
CA PRO A 247 7.25 16.26 8.27
C PRO A 247 5.77 16.52 8.06
N VAL A 248 4.97 15.63 8.64
CA VAL A 248 3.53 15.74 8.59
C VAL A 248 2.98 15.35 9.97
N ILE A 249 1.97 16.11 10.40
CA ILE A 249 1.09 15.70 11.47
C ILE A 249 -0.32 15.61 10.90
N LEU A 250 -0.95 14.47 11.13
CA LEU A 250 -2.29 14.24 10.62
C LEU A 250 -3.28 15.05 11.47
N ASN A 251 -4.26 15.66 10.81
CA ASN A 251 -5.36 16.32 11.49
C ASN A 251 -6.36 15.27 11.98
N ALA A 252 -7.42 15.71 12.65
CA ALA A 252 -8.39 14.79 13.25
C ALA A 252 -9.07 13.95 12.17
N ARG A 253 -9.44 14.57 11.05
CA ARG A 253 -10.10 13.83 9.97
C ARG A 253 -9.19 12.73 9.45
N GLU A 254 -7.89 13.04 9.32
CA GLU A 254 -6.92 12.13 8.73
C GLU A 254 -6.63 10.96 9.68
N LYS A 255 -6.60 11.21 11.00
CA LYS A 255 -6.40 10.11 11.93
C LYS A 255 -7.59 9.14 11.84
N LEU A 256 -8.79 9.70 11.61
CA LEU A 256 -9.97 8.87 11.44
C LEU A 256 -9.88 8.03 10.14
N ILE A 257 -9.43 8.66 9.04
CA ILE A 257 -9.15 7.92 7.82
C ILE A 257 -8.23 6.73 8.11
N ALA A 258 -7.14 6.95 8.84
CA ALA A 258 -6.19 5.89 9.10
C ALA A 258 -6.83 4.75 9.87
N TRP A 259 -7.62 5.11 10.90
CA TRP A 259 -8.38 4.16 11.69
C TRP A 259 -9.24 3.30 10.76
N LYS A 260 -10.00 3.98 9.90
CA LYS A 260 -10.90 3.28 8.99
C LYS A 260 -10.17 2.37 8.03
N VAL A 261 -9.06 2.84 7.46
CA VAL A 261 -8.36 2.07 6.44
C VAL A 261 -7.80 0.81 7.07
N CYS A 262 -7.15 0.99 8.23
CA CYS A 262 -6.56 -0.13 8.97
C CYS A 262 -7.61 -1.24 9.18
N LEU A 263 -8.76 -0.84 9.70
CA LEU A 263 -9.80 -1.79 10.05
C LEU A 263 -10.51 -2.34 8.81
N ALA A 264 -10.78 -1.50 7.81
CA ALA A 264 -11.52 -1.94 6.65
C ALA A 264 -10.76 -3.01 5.87
N PHE A 265 -9.44 -2.82 5.77
CA PHE A 265 -8.63 -3.76 5.01
C PHE A 265 -8.08 -4.89 5.89
N LYS A 266 -8.32 -4.80 7.19
CA LYS A 266 -7.89 -5.79 8.18
C LYS A 266 -6.37 -5.96 8.11
N GLN A 267 -5.68 -4.84 7.89
CA GLN A 267 -4.23 -4.80 7.82
C GLN A 267 -3.69 -3.99 8.98
N THR A 268 -3.22 -4.66 10.05
CA THR A 268 -2.74 -3.94 11.22
C THR A 268 -1.66 -2.94 10.81
N VAL A 269 -0.70 -3.44 10.05
CA VAL A 269 0.36 -2.66 9.47
C VAL A 269 -0.07 -2.30 8.06
N CYS A 270 -0.34 -1.01 7.81
CA CYS A 270 -0.93 -0.64 6.52
C CYS A 270 -0.42 0.72 6.07
N GLY A 271 0.12 0.77 4.86
CA GLY A 271 0.48 1.99 4.18
C GLY A 271 -0.62 2.44 3.22
N PHE A 272 -0.86 3.74 3.19
CA PHE A 272 -1.76 4.31 2.20
C PHE A 272 -1.35 5.76 1.94
N ASP A 273 -1.87 6.31 0.83
CA ASP A 273 -1.48 7.63 0.36
C ASP A 273 -2.68 8.56 0.43
N LEU A 274 -2.41 9.79 0.91
CA LEU A 274 -3.38 10.87 0.98
C LEU A 274 -2.95 12.03 0.08
N LEU A 275 -3.95 12.63 -0.57
CA LEU A 275 -3.77 13.87 -1.30
C LEU A 275 -4.51 14.96 -0.55
N ARG A 276 -3.76 15.96 -0.06
CA ARG A 276 -4.33 17.11 0.61
C ARG A 276 -4.66 18.14 -0.46
N ALA A 277 -5.96 18.30 -0.73
CA ALA A 277 -6.47 19.09 -1.83
C ALA A 277 -7.82 19.66 -1.44
N ASN A 278 -8.08 20.90 -1.88
CA ASN A 278 -9.40 21.52 -1.75
C ASN A 278 -9.85 21.53 -0.29
N GLY A 279 -8.93 21.64 0.67
CA GLY A 279 -9.30 21.69 2.08
C GLY A 279 -9.68 20.33 2.68
N GLN A 280 -9.48 19.24 1.93
CA GLN A 280 -9.78 17.89 2.43
C GLN A 280 -8.60 16.96 2.14
N SER A 281 -8.76 15.71 2.57
CA SER A 281 -7.73 14.70 2.37
C SER A 281 -8.36 13.48 1.68
N TYR A 282 -7.82 13.13 0.50
CA TYR A 282 -8.33 12.06 -0.33
C TYR A 282 -7.37 10.87 -0.36
N VAL A 283 -7.89 9.65 -0.18
CA VAL A 283 -7.06 8.47 -0.27
C VAL A 283 -6.95 8.09 -1.74
N CYS A 284 -5.74 7.91 -2.26
CA CYS A 284 -5.63 7.53 -3.67
C CYS A 284 -4.97 6.16 -3.87
N ASP A 285 -4.55 5.48 -2.79
CA ASP A 285 -3.79 4.25 -2.91
C ASP A 285 -3.74 3.62 -1.52
N VAL A 286 -4.02 2.31 -1.47
CA VAL A 286 -3.83 1.53 -0.25
C VAL A 286 -2.88 0.40 -0.58
N ASN A 287 -1.71 0.41 0.07
CA ASN A 287 -0.63 -0.53 -0.25
C ASN A 287 -0.61 -1.77 0.64
N GLY A 288 -1.22 -1.71 1.82
CA GLY A 288 -1.08 -2.83 2.73
C GLY A 288 0.26 -2.75 3.47
N PHE A 289 0.80 -3.90 3.82
CA PHE A 289 1.94 -3.95 4.72
C PHE A 289 3.12 -3.08 4.22
N SER A 290 3.51 -2.13 5.09
CA SER A 290 4.63 -1.25 4.82
C SER A 290 5.11 -0.64 6.15
N PHE A 291 6.43 -0.67 6.32
CA PHE A 291 7.08 -0.03 7.45
C PHE A 291 7.66 1.32 6.99
N VAL A 292 7.66 2.29 7.91
CA VAL A 292 8.42 3.53 7.72
C VAL A 292 9.91 3.19 7.70
N LYS A 293 10.64 3.87 6.82
CA LYS A 293 12.07 3.68 6.65
C LYS A 293 12.79 4.82 7.35
N ASN A 294 13.85 4.47 8.05
CA ASN A 294 14.86 5.39 8.55
C ASN A 294 14.32 6.31 9.64
N SER A 295 13.36 5.83 10.46
CA SER A 295 12.94 6.51 11.69
C SER A 295 13.10 5.59 12.91
N MET A 296 14.05 5.93 13.79
CA MET A 296 14.25 5.14 15.00
C MET A 296 13.01 5.18 15.91
N LYS A 297 12.30 6.33 15.95
CA LYS A 297 11.14 6.44 16.82
C LYS A 297 10.04 5.48 16.32
N TYR A 298 9.88 5.44 15.00
CA TYR A 298 8.91 4.53 14.44
C TYR A 298 9.27 3.08 14.78
N TYR A 299 10.55 2.72 14.66
CA TYR A 299 10.90 1.32 14.93
C TYR A 299 10.53 0.97 16.36
N ASP A 300 10.86 1.89 17.29
CA ASP A 300 10.55 1.70 18.71
C ASP A 300 9.04 1.56 18.91
N ASP A 301 8.28 2.52 18.37
CA ASP A 301 6.82 2.52 18.52
C ASP A 301 6.18 1.30 17.88
N CYS A 302 6.55 1.01 16.63
CA CYS A 302 5.96 -0.09 15.89
C CYS A 302 6.20 -1.42 16.60
N ALA A 303 7.42 -1.67 17.06
CA ALA A 303 7.70 -2.90 17.78
C ALA A 303 6.91 -3.00 19.09
N LYS A 304 6.83 -1.88 19.84
CA LYS A 304 6.09 -1.85 21.10
C LYS A 304 4.62 -2.18 20.82
N ILE A 305 4.02 -1.54 19.80
CA ILE A 305 2.60 -1.74 19.54
C ILE A 305 2.35 -3.20 19.11
N LEU A 306 3.20 -3.74 18.24
CA LEU A 306 2.98 -5.09 17.73
C LEU A 306 3.16 -6.10 18.86
N GLY A 307 4.23 -5.93 19.66
CA GLY A 307 4.44 -6.80 20.81
C GLY A 307 3.26 -6.77 21.79
N ASN A 308 2.72 -5.57 22.04
CA ASN A 308 1.62 -5.39 22.95
C ASN A 308 0.35 -6.04 22.39
N ILE A 309 0.14 -5.95 21.08
CA ILE A 309 -1.01 -6.60 20.44
C ILE A 309 -0.95 -8.12 20.65
N VAL A 310 0.25 -8.66 20.44
CA VAL A 310 0.50 -10.08 20.56
C VAL A 310 0.23 -10.52 22.00
N MET A 311 0.79 -9.78 22.96
CA MET A 311 0.61 -10.12 24.36
C MET A 311 -0.86 -10.00 24.77
N ARG A 312 -1.54 -8.92 24.35
CA ARG A 312 -2.93 -8.73 24.72
C ARG A 312 -3.74 -9.90 24.19
N GLU A 313 -3.45 -10.34 22.97
CA GLU A 313 -4.23 -11.40 22.38
C GLU A 313 -3.92 -12.75 23.02
N LEU A 314 -2.64 -13.08 23.25
CA LEU A 314 -2.26 -14.46 23.49
C LEU A 314 -1.75 -14.70 24.91
N ALA A 315 -1.52 -13.65 25.70
CA ALA A 315 -0.98 -13.86 27.04
C ALA A 315 -1.91 -14.75 27.86
N PRO A 316 -3.24 -14.55 27.84
CA PRO A 316 -4.14 -15.38 28.65
C PRO A 316 -4.06 -16.87 28.31
N GLN A 317 -4.06 -17.22 27.01
CA GLN A 317 -3.92 -18.61 26.56
C GLN A 317 -2.67 -19.24 27.15
N PHE A 318 -1.62 -18.44 27.24
CA PHE A 318 -0.32 -18.93 27.65
C PHE A 318 -0.12 -18.84 29.16
N HIS A 319 -1.14 -18.34 29.88
CA HIS A 319 -1.09 -18.13 31.32
C HIS A 319 0.06 -17.19 31.67
N ILE A 320 0.20 -16.10 30.88
CA ILE A 320 1.22 -15.09 31.08
C ILE A 320 0.53 -13.83 31.61
N PRO A 321 1.02 -13.19 32.72
CA PRO A 321 0.50 -11.91 33.17
C PRO A 321 0.70 -10.76 32.16
N TRP A 322 -0.33 -9.90 32.01
CA TRP A 322 -0.28 -8.76 31.10
C TRP A 322 -1.32 -7.70 31.45
N SER A 323 -0.97 -6.40 31.26
CA SER A 323 -1.93 -5.30 31.29
C SER A 323 -1.66 -4.30 30.16
PG ANP B . 2.84 3.15 -4.79
O1G ANP B . 2.52 4.11 -3.61
O2G ANP B . 4.35 3.01 -4.96
O3G ANP B . 2.13 1.80 -4.53
PB ANP B . 0.95 3.34 -7.13
O1B ANP B . 1.36 2.76 -8.45
O2B ANP B . 0.00 2.52 -6.30
N3B ANP B . 2.31 3.77 -6.27
PA ANP B . -0.63 5.82 -6.72
O1A ANP B . -2.09 5.60 -6.77
O2A ANP B . -0.03 5.97 -5.36
O3A ANP B . 0.21 4.71 -7.54
O5' ANP B . -0.25 7.08 -7.64
C5' ANP B . 1.10 7.51 -7.74
C4' ANP B . 1.16 9.00 -7.46
O4' ANP B . 0.41 9.73 -8.47
C3' ANP B . 0.57 9.46 -6.13
O3' ANP B . 1.56 9.28 -5.13
C2' ANP B . 0.29 10.94 -6.43
O2' ANP B . 1.47 11.76 -6.42
C1' ANP B . -0.23 10.84 -7.86
N9 ANP B . -1.67 10.62 -7.95
C8 ANP B . -2.37 9.43 -7.99
N7 ANP B . -3.67 9.60 -8.11
C5 ANP B . -3.81 10.99 -8.16
C6 ANP B . -4.93 11.82 -8.31
N6 ANP B . -6.17 11.34 -8.43
N1 ANP B . -4.73 13.16 -8.32
C2 ANP B . -3.48 13.63 -8.19
N3 ANP B . -2.33 12.95 -8.06
C4 ANP B . -2.59 11.62 -8.08
C5 YUT C . 10.55 0.92 -2.51
C4 YUT C . 10.18 -0.54 -2.71
C2 YUT C . 8.07 -0.14 -1.42
C1 YUT C . 8.48 1.37 -1.22
C3 YUT C . 8.68 -0.71 -2.69
O55 YUT C . 15.03 3.84 -5.00
PB5 YUT C . 15.75 3.20 -3.81
O65 YUT C . 16.28 4.14 -2.76
O75 YUT C . 16.47 1.88 -4.05
C45 YUT C . 14.20 2.54 -2.69
F51 YUT C . 13.50 3.56 -2.19
F52 YUT C . 14.64 1.73 -1.66
PA5 YUT C . 12.92 1.58 -3.67
O25 YUT C . 12.06 2.53 -4.54
O35 YUT C . 13.63 0.36 -4.27
O15 YUT C . 11.97 1.04 -2.41
O14 YUT C . 10.56 -0.74 -4.07
PA4 YUT C . 11.44 -2.03 -4.62
O34 YUT C . 12.25 -2.56 -3.43
O44 YUT C . 12.20 -1.48 -5.81
O24 YUT C . 10.36 -3.07 -5.11
O13 YUT C . 8.38 -2.12 -2.75
PA3 YUT C . 7.40 -2.70 -3.92
O33 YUT C . 6.10 -1.99 -3.72
O43 YUT C . 7.43 -4.25 -3.60
O23 YUT C . 8.14 -2.34 -5.21
O12 YUT C . 8.59 -0.87 -0.33
PA2 YUT C . 7.65 -1.48 0.86
O32 YUT C . 6.47 -0.57 1.10
O42 YUT C . 8.62 -1.49 1.96
O22 YUT C . 7.26 -2.88 0.40
O11 YUT C . 8.15 1.75 0.13
PA1 YUT C . 7.06 2.95 0.43
O31 YUT C . 5.83 2.41 -0.42
O41 YUT C . 6.80 3.10 1.92
O21 YUT C . 7.70 4.24 -0.14
C6 YUT C . 9.96 1.56 -1.27
O16 YUT C . 10.28 2.97 -1.40
PA6 YUT C . 11.05 3.82 -0.11
O36 YUT C . 12.12 2.94 0.58
O46 YUT C . 9.88 4.21 0.67
O26 YUT C . 11.68 4.98 -0.89
MG MG D . 0.09 1.62 -4.46
MG MG E . 0.98 5.38 -3.80
MG MG F . 12.00 -12.30 23.44
MG MG G . 13.80 -0.35 -6.21
MG MG H . 3.37 -3.80 -1.26
#